data_8K2M
#
_entry.id   8K2M
#
_cell.length_a   119.975
_cell.length_b   61.608
_cell.length_c   100.453
_cell.angle_alpha   90.00
_cell.angle_beta   121.43
_cell.angle_gamma   90.00
#
_symmetry.space_group_name_H-M   'C 1 2 1'
#
loop_
_entity.id
_entity.type
_entity.pdbx_description
1 polymer 'Monosaccharide-releasing beta-N-acetylgalactosaminidase'
2 non-polymer (3aR,5R,6R,7R,7aR)-5-(hydroxymethyl)-2-methyl-5,6,7,7a-tetrahydro-3aH-pyrano[3,2-d][1,3]thiazole-6,7-diol
3 non-polymer 'BROMIDE ION'
4 water water
#
_entity_poly.entity_id   1
_entity_poly.type   'polypeptide(L)'
_entity_poly.pdbx_seq_one_letter_code
;GPGLIRWSQVDEEGDTIMLEELPDFETRCLSSLSKVFADAELHDLPVNTGSAMWKEVFSFQVAYRSPQLIKSLKISAESE
LEPYLAIRAVGLSPSELPVFPNPDEGYIRTAPGLYPDPLYPLADGVHAVPNQWRSVWVTVSLPSMSEFIPAADIGAESVS
FPIDLCFEDGKGNHLGAEKFALEIIFQELPEQTLLHTEWFHSDCIATQYKVEVFSEAHWKLIESYVHNAVNHGVNMLLTP
LFTPPLDTYVGGERPTVQLIDVEITGVNEYRFKFDRLERWVEMCQRLGIQFIEFSHLFTQWGAKYAPKIIAKKDGEEKRI
FGWDTEASGESYSLFLDQFLPQLVHFIRNHHLDDKVFFHVSDEPGMKHAESYRQASDILNKHLAGFSILDALSDYDFYEK
GLVQIPVPSNDQIEPFIEHGVEPLWTYYCCGQDHHVSNRFFSLSSPRNRVLGAQLYKFGVQGFLHWGFNFWYSQYSKKVI
DPFKVTDADCAFPSGDPFVVYPGADGPLDSIRWEVFREGLQDLRALKLLEALAGREKTLALLEQNLREELTFKSFPDDIE
WLLSTREKINRAIKDAYRADR
;
_entity_poly.pdbx_strand_id   A
#
loop_
_chem_comp.id
_chem_comp.type
_chem_comp.name
_chem_comp.formula
BR non-polymer 'BROMIDE ION' 'Br -1'
GNL non-polymer (3aR,5R,6R,7R,7aR)-5-(hydroxymethyl)-2-methyl-5,6,7,7a-tetrahydro-3aH-pyrano[3,2-d][1,3]thiazole-6,7-diol 'C8 H13 N O4 S'
#
# COMPACT_ATOMS: atom_id res chain seq x y z
N LEU A 22 -40.66 15.28 10.64
CA LEU A 22 -39.19 15.03 10.43
C LEU A 22 -38.73 13.80 11.21
N PRO A 23 -37.90 12.93 10.61
CA PRO A 23 -37.35 11.78 11.34
C PRO A 23 -36.32 12.15 12.41
N ASP A 24 -36.21 11.29 13.42
CA ASP A 24 -35.12 11.36 14.38
C ASP A 24 -33.78 11.12 13.66
N PHE A 25 -32.73 11.79 14.15
CA PHE A 25 -31.43 11.67 13.51
C PHE A 25 -30.36 12.00 14.52
N GLU A 26 -29.35 11.11 14.66
CA GLU A 26 -28.28 11.26 15.63
C GLU A 26 -26.95 11.18 14.90
N THR A 27 -25.97 11.95 15.41
CA THR A 27 -24.65 11.97 14.83
C THR A 27 -23.57 11.75 15.91
N ARG A 28 -22.37 11.30 15.50
CA ARG A 28 -21.22 11.24 16.39
C ARG A 28 -19.93 11.48 15.57
N CYS A 29 -19.11 12.48 15.96
CA CYS A 29 -17.83 12.72 15.30
C CYS A 29 -16.79 11.75 15.86
N LEU A 30 -15.98 11.12 14.97
CA LEU A 30 -15.02 10.08 15.30
C LEU A 30 -13.68 10.30 14.57
N SER A 31 -12.60 9.70 15.11
CA SER A 31 -11.29 9.68 14.46
C SER A 31 -11.30 8.76 13.24
N SER A 32 -10.22 8.84 12.47
CA SER A 32 -9.95 7.93 11.35
C SER A 32 -9.74 6.46 11.79
N LEU A 33 -9.65 6.18 13.10
CA LEU A 33 -9.27 4.85 13.56
C LEU A 33 -10.50 4.00 13.97
N SER A 34 -11.73 4.58 13.98
CA SER A 34 -12.96 3.82 14.20
C SER A 34 -13.33 3.02 12.94
N LYS A 35 -13.94 1.83 13.14
CA LYS A 35 -14.62 1.10 12.05
C LYS A 35 -16.07 0.95 12.48
N VAL A 36 -16.98 1.63 11.79
CA VAL A 36 -18.40 1.69 12.17
C VAL A 36 -19.19 0.61 11.41
N PHE A 37 -19.67 -0.41 12.15
CA PHE A 37 -20.46 -1.50 11.57
C PHE A 37 -21.95 -1.17 11.59
N ALA A 38 -22.69 -1.59 10.53
CA ALA A 38 -24.11 -1.31 10.37
C ALA A 38 -25.05 -2.27 11.13
N ASP A 39 -24.48 -3.33 11.74
CA ASP A 39 -25.24 -4.33 12.47
C ASP A 39 -24.98 -4.33 13.97
N ALA A 40 -24.40 -3.24 14.49
CA ALA A 40 -23.98 -3.22 15.90
C ALA A 40 -24.27 -1.87 16.54
N GLU A 41 -24.38 -1.86 17.90
CA GLU A 41 -24.35 -0.60 18.63
C GLU A 41 -22.95 0.04 18.48
N LEU A 42 -22.91 1.37 18.64
CA LEU A 42 -21.66 2.13 18.53
C LEU A 42 -21.20 2.58 19.92
N HIS A 43 -20.10 1.98 20.38
CA HIS A 43 -19.54 2.24 21.71
C HIS A 43 -18.44 3.31 21.65
N ASP A 44 -17.95 3.71 20.46
CA ASP A 44 -16.75 4.54 20.36
C ASP A 44 -17.04 5.93 20.94
N LEU A 45 -16.02 6.51 21.61
CA LEU A 45 -16.19 7.83 22.20
C LEU A 45 -15.99 8.92 21.16
N PRO A 46 -16.72 10.06 21.29
CA PRO A 46 -16.60 11.17 20.36
C PRO A 46 -15.20 11.80 20.31
N VAL A 47 -14.78 12.20 19.10
CA VAL A 47 -13.53 12.89 18.83
C VAL A 47 -13.82 14.10 17.92
N ASN A 48 -13.62 15.35 18.43
CA ASN A 48 -13.99 16.55 17.71
C ASN A 48 -12.80 17.53 17.60
N THR A 49 -11.57 17.08 17.89
CA THR A 49 -10.35 17.87 17.76
C THR A 49 -9.18 17.00 17.29
N GLY A 50 -8.18 17.61 16.62
CA GLY A 50 -6.92 16.94 16.29
C GLY A 50 -5.86 17.96 15.82
N SER A 51 -4.67 17.49 15.49
CA SER A 51 -3.62 18.35 14.97
C SER A 51 -2.91 17.68 13.78
N ALA A 52 -2.25 18.48 12.95
CA ALA A 52 -1.51 18.01 11.80
C ALA A 52 -0.43 19.04 11.46
N MET A 53 0.48 18.65 10.57
CA MET A 53 1.46 19.55 9.97
C MET A 53 1.13 19.89 8.52
N TRP A 54 1.84 20.90 7.95
CA TRP A 54 1.74 21.15 6.51
C TRP A 54 2.22 19.92 5.74
N LYS A 55 1.61 19.71 4.57
CA LYS A 55 1.82 18.60 3.66
C LYS A 55 1.25 17.26 4.18
N GLU A 56 0.51 17.26 5.29
CA GLU A 56 -0.04 16.03 5.86
C GLU A 56 -1.47 15.86 5.32
N VAL A 57 -1.91 14.60 5.09
CA VAL A 57 -3.32 14.33 4.90
C VAL A 57 -3.94 13.99 6.26
N PHE A 58 -4.95 14.77 6.66
CA PHE A 58 -5.64 14.58 7.93
C PHE A 58 -7.07 14.13 7.67
N SER A 59 -7.50 13.03 8.35
CA SER A 59 -8.83 12.48 8.11
C SER A 59 -9.58 12.29 9.44
N PHE A 60 -10.92 12.38 9.34
CA PHE A 60 -11.85 12.03 10.41
C PHE A 60 -13.14 11.50 9.78
N GLN A 61 -14.11 11.09 10.61
CA GLN A 61 -15.40 10.66 10.05
C GLN A 61 -16.57 11.08 10.95
N VAL A 62 -17.77 11.05 10.37
CA VAL A 62 -18.98 11.32 11.18
C VAL A 62 -19.96 10.16 10.98
N ALA A 63 -20.26 9.49 12.09
CA ALA A 63 -21.26 8.43 12.13
C ALA A 63 -22.66 9.02 12.28
N TYR A 64 -23.69 8.40 11.66
CA TYR A 64 -25.06 8.90 11.75
C TYR A 64 -26.06 7.73 11.73
N ARG A 65 -27.25 7.94 12.32
CA ARG A 65 -28.27 6.89 12.43
C ARG A 65 -29.66 7.51 12.51
N SER A 66 -30.63 6.90 11.81
CA SER A 66 -32.04 7.28 11.88
C SER A 66 -32.87 6.02 12.07
N PRO A 67 -34.03 6.07 12.79
CA PRO A 67 -35.01 4.98 12.73
C PRO A 67 -35.67 4.78 11.37
N GLN A 68 -35.64 5.82 10.51
CA GLN A 68 -36.33 5.83 9.23
C GLN A 68 -35.36 5.57 8.07
N LEU A 69 -35.94 5.23 6.91
CA LEU A 69 -35.24 5.19 5.64
C LEU A 69 -35.29 6.61 5.07
N ILE A 70 -34.11 7.26 4.94
CA ILE A 70 -33.99 8.57 4.33
C ILE A 70 -33.06 8.48 3.11
N LYS A 71 -33.59 8.68 1.91
CA LYS A 71 -32.81 8.57 0.68
C LYS A 71 -32.21 9.89 0.25
N SER A 72 -30.96 9.82 -0.23
CA SER A 72 -30.29 10.91 -0.94
C SER A 72 -30.15 12.16 -0.05
N LEU A 73 -29.53 11.94 1.12
CA LEU A 73 -29.07 13.00 2.02
C LEU A 73 -28.20 14.01 1.30
N LYS A 74 -28.31 15.27 1.71
CA LYS A 74 -27.43 16.33 1.23
C LYS A 74 -26.45 16.62 2.35
N ILE A 75 -25.16 16.35 2.09
CA ILE A 75 -24.10 16.48 3.08
C ILE A 75 -23.12 17.52 2.57
N SER A 76 -22.72 18.48 3.43
CA SER A 76 -21.98 19.69 3.09
C SER A 76 -20.96 19.97 4.20
N ALA A 77 -19.86 20.66 3.86
CA ALA A 77 -18.93 21.17 4.85
C ALA A 77 -18.71 22.68 4.63
N GLU A 78 -18.57 23.43 5.74
CA GLU A 78 -18.24 24.84 5.71
C GLU A 78 -16.94 25.06 6.47
N SER A 79 -15.94 25.65 5.81
CA SER A 79 -14.60 25.80 6.36
C SER A 79 -13.77 26.67 5.43
N GLU A 80 -12.78 27.39 6.00
CA GLU A 80 -11.73 28.00 5.19
C GLU A 80 -10.87 26.92 4.49
N LEU A 81 -10.93 25.67 4.99
CA LEU A 81 -10.14 24.57 4.43
C LEU A 81 -10.87 23.86 3.28
N GLU A 82 -12.04 24.36 2.84
CA GLU A 82 -12.84 23.73 1.79
C GLU A 82 -12.06 23.42 0.50
N PRO A 83 -11.15 24.28 -0.04
CA PRO A 83 -10.34 23.92 -1.21
C PRO A 83 -9.47 22.64 -1.12
N TYR A 84 -9.29 22.16 0.13
CA TYR A 84 -8.44 21.02 0.47
C TYR A 84 -9.25 19.81 0.94
N LEU A 85 -10.57 19.90 0.94
CA LEU A 85 -11.43 18.95 1.67
C LEU A 85 -12.28 18.15 0.68
N ALA A 86 -12.41 16.83 0.97
CA ALA A 86 -13.34 15.93 0.26
C ALA A 86 -14.18 15.18 1.29
N ILE A 87 -15.40 14.79 0.88
CA ILE A 87 -16.29 13.98 1.70
C ILE A 87 -16.72 12.77 0.85
N ARG A 88 -16.64 11.57 1.47
CA ARG A 88 -16.98 10.30 0.82
C ARG A 88 -17.84 9.44 1.77
N ALA A 89 -18.66 8.57 1.16
CA ALA A 89 -19.48 7.62 1.95
C ALA A 89 -18.66 6.35 2.25
N VAL A 90 -18.66 5.86 3.51
CA VAL A 90 -18.08 4.56 3.85
C VAL A 90 -19.05 3.45 3.46
N GLY A 91 -18.73 2.73 2.37
CA GLY A 91 -19.55 1.59 1.95
C GLY A 91 -19.22 0.27 2.69
N LEU A 92 -20.06 -0.76 2.44
CA LEU A 92 -19.90 -2.06 3.08
C LEU A 92 -19.48 -3.11 2.01
N SER A 93 -18.48 -3.93 2.34
CA SER A 93 -18.02 -5.02 1.50
C SER A 93 -18.25 -6.39 2.15
N PRO A 94 -18.60 -7.43 1.38
CA PRO A 94 -18.71 -8.78 1.94
C PRO A 94 -17.36 -9.41 2.24
N SER A 95 -17.33 -10.26 3.26
CA SER A 95 -16.20 -11.10 3.61
C SER A 95 -16.74 -12.51 3.95
N GLU A 96 -16.34 -13.50 3.15
CA GLU A 96 -16.68 -14.91 3.45
C GLU A 96 -15.56 -15.59 4.24
N LEU A 97 -14.29 -15.12 4.12
CA LEU A 97 -13.11 -15.60 4.86
C LEU A 97 -12.50 -14.40 5.60
N PRO A 98 -13.13 -13.91 6.69
CA PRO A 98 -12.53 -12.84 7.49
C PRO A 98 -11.26 -13.28 8.21
N VAL A 99 -11.17 -14.57 8.58
CA VAL A 99 -10.11 -15.08 9.45
C VAL A 99 -9.61 -16.47 8.99
N PHE A 100 -8.34 -16.75 9.26
CA PHE A 100 -7.83 -18.12 9.30
C PHE A 100 -8.23 -18.77 10.64
N PRO A 101 -8.10 -20.11 10.76
CA PRO A 101 -8.44 -20.74 12.05
C PRO A 101 -7.67 -20.15 13.24
N ASN A 102 -8.35 -20.18 14.40
CA ASN A 102 -7.75 -19.81 15.69
C ASN A 102 -7.22 -18.37 15.69
N PRO A 103 -8.04 -17.37 15.30
CA PRO A 103 -7.57 -15.98 15.39
C PRO A 103 -7.31 -15.54 16.83
N ASP A 104 -6.32 -14.64 16.99
CA ASP A 104 -5.93 -14.16 18.31
C ASP A 104 -7.00 -13.25 18.88
N GLU A 105 -6.87 -12.82 20.17
CA GLU A 105 -7.93 -12.11 20.86
C GLU A 105 -8.03 -10.63 20.46
N GLY A 106 -7.08 -10.16 19.66
CA GLY A 106 -7.07 -8.79 19.16
C GLY A 106 -7.95 -8.53 17.93
N TYR A 107 -8.43 -9.60 17.29
CA TYR A 107 -9.34 -9.45 16.17
C TYR A 107 -10.66 -8.76 16.62
N ILE A 108 -11.24 -7.87 15.78
CA ILE A 108 -12.41 -7.11 16.18
C ILE A 108 -13.72 -7.92 15.99
N ARG A 109 -13.70 -8.87 15.06
CA ARG A 109 -14.79 -9.76 14.66
C ARG A 109 -14.19 -11.01 14.03
N THR A 110 -14.92 -12.13 14.03
CA THR A 110 -14.45 -13.34 13.39
C THR A 110 -15.49 -13.94 12.41
N ALA A 111 -16.70 -13.38 12.33
CA ALA A 111 -17.80 -13.99 11.59
C ALA A 111 -17.80 -13.42 10.16
N PRO A 112 -18.22 -14.21 9.16
CA PRO A 112 -18.48 -13.66 7.83
C PRO A 112 -19.64 -12.65 7.90
N GLY A 113 -19.63 -11.66 6.98
CA GLY A 113 -20.63 -10.63 6.95
C GLY A 113 -20.24 -9.41 6.11
N LEU A 114 -20.88 -8.26 6.39
CA LEU A 114 -20.56 -6.99 5.73
C LEU A 114 -19.68 -6.12 6.65
N TYR A 115 -18.57 -5.63 6.10
CA TYR A 115 -17.55 -4.88 6.83
C TYR A 115 -17.42 -3.51 6.19
N PRO A 116 -17.22 -2.42 6.96
CA PRO A 116 -16.93 -1.13 6.35
C PRO A 116 -15.57 -1.12 5.65
N ASP A 117 -15.48 -0.65 4.40
CA ASP A 117 -14.20 -0.65 3.70
C ASP A 117 -14.11 0.35 2.54
N PRO A 118 -14.87 0.20 1.43
CA PRO A 118 -14.69 1.12 0.30
C PRO A 118 -15.17 2.54 0.58
N LEU A 119 -14.51 3.53 -0.07
CA LEU A 119 -14.91 4.94 0.02
C LEU A 119 -15.49 5.42 -1.32
N TYR A 120 -16.80 5.74 -1.30
CA TYR A 120 -17.54 6.09 -2.50
C TYR A 120 -17.73 7.62 -2.61
N PRO A 121 -17.75 8.17 -3.86
CA PRO A 121 -18.14 9.56 -4.11
C PRO A 121 -19.55 9.87 -3.61
N LEU A 122 -19.72 11.06 -2.98
CA LEU A 122 -21.04 11.49 -2.51
C LEU A 122 -22.07 11.52 -3.65
N ALA A 123 -21.63 11.91 -4.86
CA ALA A 123 -22.51 12.01 -6.01
C ALA A 123 -23.19 10.69 -6.35
N ASP A 124 -22.65 9.53 -5.87
CA ASP A 124 -23.27 8.24 -6.08
C ASP A 124 -24.55 8.11 -5.25
N GLY A 125 -24.77 9.03 -4.28
CA GLY A 125 -25.91 8.93 -3.38
C GLY A 125 -25.49 8.46 -1.97
N VAL A 126 -26.09 9.04 -0.92
CA VAL A 126 -25.82 8.65 0.46
C VAL A 126 -27.15 8.55 1.21
N HIS A 127 -27.42 7.42 1.87
CA HIS A 127 -28.70 7.15 2.55
C HIS A 127 -28.55 6.88 4.06
N ALA A 128 -29.63 7.20 4.82
CA ALA A 128 -29.84 6.68 6.17
C ALA A 128 -30.78 5.46 6.09
N VAL A 129 -30.36 4.35 6.71
CA VAL A 129 -31.04 3.05 6.56
C VAL A 129 -31.55 2.61 7.93
N PRO A 130 -32.80 2.12 8.10
CA PRO A 130 -33.45 2.07 9.42
C PRO A 130 -32.65 1.40 10.53
N ASN A 131 -32.36 2.16 11.60
CA ASN A 131 -31.66 1.64 12.75
C ASN A 131 -30.27 1.04 12.44
N GLN A 132 -29.53 1.65 11.49
CA GLN A 132 -28.17 1.27 11.19
C GLN A 132 -27.26 2.50 11.34
N TRP A 133 -26.19 2.36 12.13
CA TRP A 133 -25.10 3.33 12.04
C TRP A 133 -24.35 3.23 10.70
N ARG A 134 -24.26 4.38 10.00
CA ARG A 134 -23.45 4.53 8.78
C ARG A 134 -22.44 5.66 9.00
N SER A 135 -21.49 5.87 8.07
CA SER A 135 -20.47 6.89 8.26
C SER A 135 -20.16 7.61 6.95
N VAL A 136 -19.80 8.89 7.07
CA VAL A 136 -19.11 9.63 6.02
C VAL A 136 -17.70 10.00 6.49
N TRP A 137 -16.79 10.00 5.53
CA TRP A 137 -15.36 10.11 5.74
C TRP A 137 -14.84 11.42 5.15
N VAL A 138 -14.09 12.19 5.96
CA VAL A 138 -13.63 13.52 5.55
C VAL A 138 -12.10 13.52 5.42
N THR A 139 -11.59 13.95 4.25
CA THR A 139 -10.15 13.99 3.95
C THR A 139 -9.72 15.45 3.76
N VAL A 140 -8.71 15.88 4.53
CA VAL A 140 -8.13 17.22 4.38
C VAL A 140 -6.68 17.08 3.92
N SER A 141 -6.40 17.40 2.64
CA SER A 141 -5.07 17.25 2.03
C SER A 141 -4.33 18.58 2.09
N LEU A 142 -3.53 18.78 3.13
CA LEU A 142 -2.96 20.10 3.38
C LEU A 142 -1.82 20.36 2.39
N PRO A 143 -1.65 21.62 1.88
CA PRO A 143 -0.52 21.97 1.03
C PRO A 143 0.71 22.35 1.84
N SER A 144 1.76 22.85 1.19
CA SER A 144 2.79 23.62 1.89
C SER A 144 2.24 24.96 2.41
N MET A 145 2.89 25.49 3.44
CA MET A 145 2.55 26.78 4.03
C MET A 145 2.54 27.88 2.96
N SER A 146 3.55 27.89 2.09
CA SER A 146 3.67 28.93 1.08
C SER A 146 2.59 28.86 -0.01
N GLU A 147 1.96 27.69 -0.23
CA GLU A 147 0.89 27.59 -1.23
C GLU A 147 -0.50 27.80 -0.63
N PHE A 148 -0.62 27.84 0.71
CA PHE A 148 -1.90 27.90 1.40
C PHE A 148 -2.65 29.18 1.03
N ILE A 149 -3.94 29.07 0.65
CA ILE A 149 -4.66 30.22 0.13
C ILE A 149 -5.18 31.12 1.25
N PRO A 150 -5.87 30.61 2.30
CA PRO A 150 -6.32 31.45 3.41
C PRO A 150 -5.19 32.21 4.09
N ALA A 151 -5.54 33.35 4.70
CA ALA A 151 -4.63 34.13 5.53
C ALA A 151 -4.13 33.27 6.70
N ALA A 152 -2.83 33.41 7.00
CA ALA A 152 -2.21 32.67 8.08
C ALA A 152 -0.95 33.41 8.52
N ASP A 153 -0.82 33.56 9.85
CA ASP A 153 0.29 34.25 10.47
C ASP A 153 1.52 33.34 10.45
N ILE A 154 2.51 33.69 9.61
CA ILE A 154 3.68 32.84 9.38
C ILE A 154 4.60 32.86 10.60
N GLY A 155 4.30 33.73 11.58
CA GLY A 155 5.07 33.81 12.81
C GLY A 155 4.39 33.10 13.99
N ALA A 156 3.21 32.48 13.77
CA ALA A 156 2.54 31.76 14.85
C ALA A 156 3.01 30.30 14.88
N GLU A 157 2.99 29.66 16.06
CA GLU A 157 3.46 28.28 16.17
C GLU A 157 2.41 27.33 15.58
N SER A 158 1.16 27.77 15.59
CA SER A 158 0.03 27.00 15.04
C SER A 158 -1.19 27.89 14.86
N VAL A 159 -2.17 27.43 14.07
CA VAL A 159 -3.45 28.12 13.91
C VAL A 159 -4.52 27.03 13.79
N SER A 160 -5.67 27.24 14.45
CA SER A 160 -6.80 26.31 14.42
C SER A 160 -7.87 26.76 13.43
N PHE A 161 -8.45 25.80 12.69
CA PHE A 161 -9.52 26.05 11.74
C PHE A 161 -10.71 25.15 12.04
N PRO A 162 -11.95 25.70 12.16
CA PRO A 162 -13.14 24.85 12.28
C PRO A 162 -13.56 24.24 10.95
N ILE A 163 -14.11 23.01 11.03
CA ILE A 163 -14.79 22.36 9.90
C ILE A 163 -16.18 21.96 10.41
N ASP A 164 -17.22 22.55 9.82
CA ASP A 164 -18.60 22.26 10.19
C ASP A 164 -19.21 21.36 9.12
N LEU A 165 -19.70 20.18 9.51
CA LEU A 165 -20.35 19.25 8.59
C LEU A 165 -21.86 19.25 8.89
N CYS A 166 -22.65 19.32 7.82
CA CYS A 166 -24.10 19.50 7.86
C CYS A 166 -24.78 18.37 7.07
N PHE A 167 -25.83 17.80 7.69
CA PHE A 167 -26.74 16.85 7.06
C PHE A 167 -28.13 17.46 6.90
N GLU A 168 -28.68 17.39 5.68
CA GLU A 168 -30.05 17.78 5.36
C GLU A 168 -30.74 16.64 4.63
N ASP A 169 -32.08 16.66 4.59
CA ASP A 169 -32.81 15.70 3.77
C ASP A 169 -32.79 16.20 2.32
N GLY A 170 -33.43 15.45 1.41
CA GLY A 170 -33.60 15.90 0.03
C GLY A 170 -34.26 17.28 -0.11
N LYS A 171 -35.22 17.60 0.76
CA LYS A 171 -36.04 18.81 0.65
C LYS A 171 -35.42 20.02 1.36
N GLY A 172 -34.21 19.87 1.94
CA GLY A 172 -33.53 20.99 2.58
C GLY A 172 -33.83 21.18 4.07
N ASN A 173 -34.51 20.22 4.70
CA ASN A 173 -34.72 20.25 6.13
C ASN A 173 -33.47 19.78 6.88
N HIS A 174 -33.07 20.53 7.91
CA HIS A 174 -31.83 20.25 8.65
C HIS A 174 -32.05 18.98 9.47
N LEU A 175 -31.05 18.05 9.48
CA LEU A 175 -31.17 16.82 10.24
C LEU A 175 -30.11 16.76 11.34
N GLY A 176 -28.87 17.22 11.06
CA GLY A 176 -27.79 17.06 12.03
C GLY A 176 -26.55 17.85 11.62
N ALA A 177 -25.58 17.95 12.56
CA ALA A 177 -24.32 18.67 12.34
C ALA A 177 -23.26 18.22 13.37
N GLU A 178 -21.99 18.34 12.97
CA GLU A 178 -20.85 18.19 13.88
C GLU A 178 -19.80 19.25 13.52
N LYS A 179 -19.10 19.73 14.55
CA LYS A 179 -18.01 20.68 14.39
C LYS A 179 -16.69 20.03 14.79
N PHE A 180 -15.67 20.11 13.90
CA PHE A 180 -14.33 19.59 14.16
C PHE A 180 -13.35 20.78 14.18
N ALA A 181 -12.42 20.79 15.13
CA ALA A 181 -11.35 21.79 15.19
C ALA A 181 -9.98 21.17 14.93
N LEU A 182 -9.39 21.59 13.78
CA LEU A 182 -8.10 21.10 13.34
C LEU A 182 -7.05 22.19 13.62
N GLU A 183 -6.08 21.86 14.48
CA GLU A 183 -4.88 22.67 14.71
C GLU A 183 -3.78 22.30 13.69
N ILE A 184 -3.32 23.26 12.88
CA ILE A 184 -2.20 23.05 11.96
C ILE A 184 -0.95 23.70 12.54
N ILE A 185 0.08 22.88 12.79
CA ILE A 185 1.35 23.31 13.34
C ILE A 185 2.22 23.80 12.17
N PHE A 186 2.93 24.93 12.35
CA PHE A 186 3.51 25.59 11.18
C PHE A 186 4.93 25.05 10.90
N GLN A 187 5.03 23.71 10.78
CA GLN A 187 6.20 23.02 10.28
C GLN A 187 5.75 22.03 9.21
N GLU A 188 6.62 21.72 8.26
CA GLU A 188 6.30 20.82 7.16
C GLU A 188 6.65 19.37 7.51
N LEU A 189 5.74 18.40 7.21
CA LEU A 189 6.08 17.00 7.34
C LEU A 189 7.14 16.69 6.27
N PRO A 190 8.37 16.29 6.64
CA PRO A 190 9.43 16.14 5.64
C PRO A 190 9.21 15.00 4.65
N GLU A 191 9.87 15.09 3.50
CA GLU A 191 9.75 14.07 2.47
C GLU A 191 10.11 12.68 3.02
N GLN A 192 9.29 11.66 2.66
CA GLN A 192 9.56 10.26 2.98
C GLN A 192 10.88 9.79 2.39
N THR A 193 11.72 9.11 3.21
CA THR A 193 12.92 8.42 2.77
C THR A 193 12.79 6.89 2.85
N LEU A 194 11.80 6.34 3.61
CA LEU A 194 11.48 4.91 3.53
C LEU A 194 11.19 4.51 2.08
N LEU A 195 11.74 3.38 1.62
CA LEU A 195 11.45 2.80 0.31
C LEU A 195 10.17 1.99 0.54
N HIS A 196 9.18 2.13 -0.38
CA HIS A 196 7.88 1.51 -0.21
C HIS A 196 7.37 1.07 -1.57
N THR A 197 7.18 -0.26 -1.73
CA THR A 197 6.60 -0.84 -2.94
C THR A 197 5.32 -1.59 -2.56
N GLU A 198 4.25 -1.36 -3.33
CA GLU A 198 3.03 -2.15 -3.26
C GLU A 198 2.87 -2.74 -4.66
N TRP A 199 3.03 -4.06 -4.83
CA TRP A 199 3.08 -4.64 -6.14
C TRP A 199 1.82 -4.34 -6.96
N PHE A 200 2.08 -3.84 -8.17
CA PHE A 200 1.11 -3.26 -9.08
C PHE A 200 0.82 -4.28 -10.18
N HIS A 201 -0.46 -4.71 -10.31
CA HIS A 201 -0.88 -5.77 -11.23
C HIS A 201 -1.58 -5.11 -12.44
N SER A 202 -0.83 -4.83 -13.49
CA SER A 202 -1.39 -4.20 -14.70
C SER A 202 -2.42 -5.09 -15.35
N ASP A 203 -2.21 -6.41 -15.28
CA ASP A 203 -3.15 -7.35 -15.87
C ASP A 203 -4.54 -7.21 -15.24
N CYS A 204 -4.62 -7.10 -13.90
CA CYS A 204 -5.89 -6.95 -13.19
C CYS A 204 -6.64 -5.71 -13.71
N ILE A 205 -5.93 -4.62 -14.04
CA ILE A 205 -6.54 -3.41 -14.58
C ILE A 205 -7.15 -3.73 -15.94
N ALA A 206 -6.36 -4.35 -16.82
CA ALA A 206 -6.86 -4.68 -18.15
C ALA A 206 -8.10 -5.59 -18.14
N THR A 207 -8.16 -6.66 -17.32
CA THR A 207 -9.29 -7.59 -17.30
C THR A 207 -10.53 -6.99 -16.59
N GLN A 208 -10.36 -6.06 -15.64
CA GLN A 208 -11.48 -5.41 -14.97
C GLN A 208 -12.19 -4.43 -15.89
N TYR A 209 -11.40 -3.62 -16.60
CA TYR A 209 -11.91 -2.55 -17.46
C TYR A 209 -12.15 -3.05 -18.90
N LYS A 210 -11.78 -4.30 -19.21
CA LYS A 210 -12.02 -4.92 -20.52
C LYS A 210 -11.34 -4.14 -21.65
N VAL A 211 -10.04 -3.86 -21.47
CA VAL A 211 -9.20 -3.20 -22.44
C VAL A 211 -7.98 -4.10 -22.72
N GLU A 212 -7.42 -3.99 -23.93
CA GLU A 212 -6.20 -4.72 -24.27
C GLU A 212 -5.02 -4.17 -23.49
N VAL A 213 -4.09 -5.07 -23.07
CA VAL A 213 -2.86 -4.64 -22.43
C VAL A 213 -2.05 -3.75 -23.39
N PHE A 214 -1.68 -2.60 -22.83
CA PHE A 214 -0.84 -1.56 -23.41
C PHE A 214 -1.56 -0.84 -24.57
N SER A 215 -2.87 -1.03 -24.69
CA SER A 215 -3.70 -0.07 -25.44
C SER A 215 -3.58 1.34 -24.85
N GLU A 216 -4.01 2.37 -25.61
CA GLU A 216 -4.00 3.72 -25.03
C GLU A 216 -4.96 3.82 -23.82
N ALA A 217 -6.10 3.14 -23.86
CA ALA A 217 -7.05 3.11 -22.75
C ALA A 217 -6.36 2.50 -21.50
N HIS A 218 -5.59 1.43 -21.71
CA HIS A 218 -4.84 0.79 -20.60
C HIS A 218 -3.82 1.75 -19.99
N TRP A 219 -2.97 2.40 -20.81
CA TRP A 219 -2.00 3.37 -20.30
C TRP A 219 -2.66 4.49 -19.48
N LYS A 220 -3.82 5.02 -19.90
CA LYS A 220 -4.51 6.06 -19.15
C LYS A 220 -4.91 5.57 -17.74
N LEU A 221 -5.39 4.33 -17.66
CA LEU A 221 -5.76 3.72 -16.39
C LEU A 221 -4.51 3.46 -15.53
N ILE A 222 -3.43 2.95 -16.14
CA ILE A 222 -2.18 2.76 -15.40
C ILE A 222 -1.76 4.07 -14.73
N GLU A 223 -1.79 5.19 -15.47
CA GLU A 223 -1.39 6.48 -14.91
C GLU A 223 -2.23 6.87 -13.69
N SER A 224 -3.55 6.69 -13.76
CA SER A 224 -4.44 7.04 -12.65
C SER A 224 -4.14 6.20 -11.40
N TYR A 225 -3.92 4.88 -11.61
CA TYR A 225 -3.56 3.97 -10.52
C TYR A 225 -2.20 4.29 -9.91
N VAL A 226 -1.19 4.58 -10.75
CA VAL A 226 0.14 4.93 -10.23
C VAL A 226 0.08 6.26 -9.45
N HIS A 227 -0.68 7.26 -9.92
CA HIS A 227 -0.81 8.54 -9.20
C HIS A 227 -1.39 8.33 -7.79
N ASN A 228 -2.39 7.43 -7.66
CA ASN A 228 -2.96 7.08 -6.36
C ASN A 228 -1.85 6.49 -5.46
N ALA A 229 -1.06 5.54 -6.01
CA ALA A 229 0.01 4.87 -5.24
C ALA A 229 1.02 5.92 -4.72
N VAL A 230 1.49 6.81 -5.60
CA VAL A 230 2.47 7.85 -5.20
C VAL A 230 1.92 8.74 -4.09
N ASN A 231 0.62 9.15 -4.19
CA ASN A 231 -0.07 10.00 -3.23
C ASN A 231 -0.17 9.33 -1.85
N HIS A 232 -0.11 7.98 -1.83
CA HIS A 232 -0.18 7.20 -0.60
C HIS A 232 1.21 6.68 -0.18
N GLY A 233 2.29 7.30 -0.70
CA GLY A 233 3.65 7.04 -0.25
C GLY A 233 4.38 5.86 -0.92
N VAL A 234 3.87 5.35 -2.07
CA VAL A 234 4.62 4.38 -2.87
C VAL A 234 5.64 5.15 -3.71
N ASN A 235 6.93 4.82 -3.52
CA ASN A 235 8.01 5.46 -4.29
C ASN A 235 8.85 4.45 -5.13
N MET A 236 8.46 3.17 -5.18
CA MET A 236 9.16 2.08 -5.86
C MET A 236 8.09 1.24 -6.55
N LEU A 237 8.19 1.05 -7.88
CA LEU A 237 7.15 0.41 -8.68
C LEU A 237 7.63 -0.86 -9.39
N LEU A 238 6.91 -1.96 -9.18
CA LEU A 238 7.16 -3.22 -9.86
C LEU A 238 6.93 -3.06 -11.37
N THR A 239 7.99 -3.36 -12.13
CA THR A 239 8.12 -3.02 -13.55
C THR A 239 8.21 -4.29 -14.37
N PRO A 240 7.16 -4.63 -15.16
CA PRO A 240 7.05 -5.94 -15.83
C PRO A 240 7.84 -6.11 -17.11
N LEU A 241 9.12 -6.49 -16.97
CA LEU A 241 9.93 -6.83 -18.15
C LEU A 241 9.27 -7.94 -18.95
N PHE A 242 8.84 -8.98 -18.22
CA PHE A 242 8.14 -10.14 -18.75
C PHE A 242 7.00 -10.40 -17.75
N THR A 243 5.94 -11.09 -18.18
CA THR A 243 4.79 -11.37 -17.32
C THR A 243 5.25 -11.79 -15.93
N PRO A 244 4.93 -11.02 -14.85
CA PRO A 244 5.53 -11.36 -13.53
C PRO A 244 5.15 -12.75 -13.08
N PRO A 245 6.14 -13.61 -12.71
CA PRO A 245 5.88 -15.00 -12.32
C PRO A 245 5.50 -15.09 -10.83
N LEU A 246 4.24 -14.69 -10.55
CA LEU A 246 3.67 -14.54 -9.21
C LEU A 246 2.24 -15.09 -9.23
N ASP A 247 1.88 -15.80 -8.16
CA ASP A 247 0.50 -16.28 -7.92
C ASP A 247 -0.08 -16.95 -9.18
N THR A 248 0.67 -17.89 -9.76
CA THR A 248 0.31 -18.56 -11.03
C THR A 248 0.46 -20.07 -10.86
N TYR A 249 -0.61 -20.89 -11.06
CA TYR A 249 -0.44 -22.33 -10.87
C TYR A 249 0.54 -22.90 -11.89
N VAL A 250 1.20 -24.01 -11.50
CA VAL A 250 2.13 -24.73 -12.38
C VAL A 250 1.35 -25.24 -13.60
N GLY A 251 1.80 -24.86 -14.80
CA GLY A 251 1.10 -25.11 -16.05
C GLY A 251 -0.01 -24.10 -16.38
N GLY A 252 -0.09 -23.01 -15.62
CA GLY A 252 -1.05 -21.93 -15.86
C GLY A 252 -0.38 -20.63 -16.30
N GLU A 253 -1.23 -19.62 -16.60
CA GLU A 253 -0.76 -18.32 -17.02
C GLU A 253 -1.69 -17.23 -16.52
N ARG A 254 -1.12 -16.04 -16.42
CA ARG A 254 -1.78 -14.76 -16.29
C ARG A 254 -1.70 -14.04 -17.64
N PRO A 255 -2.54 -13.00 -17.89
CA PRO A 255 -2.50 -12.23 -19.13
C PRO A 255 -1.12 -11.62 -19.38
N THR A 256 -0.65 -11.74 -20.63
CA THR A 256 0.67 -11.28 -21.02
C THR A 256 0.82 -9.80 -20.74
N VAL A 257 1.82 -9.45 -19.89
CA VAL A 257 2.20 -8.07 -19.63
C VAL A 257 3.73 -8.02 -19.74
N GLN A 258 4.24 -7.57 -20.90
CA GLN A 258 5.67 -7.69 -21.24
C GLN A 258 6.17 -6.39 -21.88
N LEU A 259 7.02 -5.63 -21.18
CA LEU A 259 7.53 -4.33 -21.68
C LEU A 259 8.60 -4.53 -22.75
N ILE A 260 9.35 -5.65 -22.67
CA ILE A 260 10.42 -5.94 -23.62
C ILE A 260 9.88 -6.59 -24.90
N ASP A 261 10.23 -6.04 -26.07
CA ASP A 261 9.91 -6.69 -27.34
C ASP A 261 11.07 -7.61 -27.77
N VAL A 262 10.76 -8.88 -28.03
CA VAL A 262 11.71 -9.93 -28.41
C VAL A 262 11.39 -10.41 -29.83
N GLU A 263 12.41 -10.40 -30.70
CA GLU A 263 12.37 -11.04 -32.00
C GLU A 263 13.33 -12.22 -31.99
N ILE A 264 12.84 -13.40 -32.36
CA ILE A 264 13.73 -14.56 -32.48
C ILE A 264 14.22 -14.64 -33.93
N THR A 265 15.55 -14.55 -34.09
CA THR A 265 16.22 -14.39 -35.38
C THR A 265 16.86 -15.71 -35.85
N GLY A 266 16.94 -16.70 -34.96
CA GLY A 266 17.49 -18.03 -35.21
C GLY A 266 17.45 -18.85 -33.92
N VAL A 267 17.84 -20.15 -33.97
CA VAL A 267 17.84 -20.97 -32.76
C VAL A 267 18.77 -20.34 -31.73
N ASN A 268 18.24 -20.06 -30.51
CA ASN A 268 18.98 -19.44 -29.41
C ASN A 268 19.51 -18.04 -29.74
N GLU A 269 18.89 -17.28 -30.68
CA GLU A 269 19.38 -15.97 -31.10
C GLU A 269 18.21 -14.95 -31.13
N TYR A 270 18.41 -13.82 -30.45
CA TYR A 270 17.38 -12.80 -30.22
C TYR A 270 17.86 -11.39 -30.51
N ARG A 271 16.87 -10.52 -30.85
CA ARG A 271 17.01 -9.06 -30.87
C ARG A 271 15.94 -8.43 -29.98
N PHE A 272 16.28 -7.32 -29.32
CA PHE A 272 15.44 -6.70 -28.31
C PHE A 272 15.12 -5.25 -28.66
N LYS A 273 13.92 -4.79 -28.31
CA LYS A 273 13.60 -3.37 -28.34
C LYS A 273 13.05 -2.96 -26.97
N PHE A 274 13.40 -1.75 -26.54
CA PHE A 274 13.09 -1.25 -25.21
C PHE A 274 12.08 -0.08 -25.19
N ASP A 275 11.32 0.13 -26.28
CA ASP A 275 10.51 1.35 -26.41
C ASP A 275 9.40 1.45 -25.36
N ARG A 276 8.70 0.34 -25.08
CA ARG A 276 7.64 0.29 -24.06
C ARG A 276 8.26 0.51 -22.66
N LEU A 277 9.44 -0.08 -22.40
CA LEU A 277 10.11 0.21 -21.14
C LEU A 277 10.43 1.71 -21.00
N GLU A 278 10.91 2.39 -22.06
CA GLU A 278 11.18 3.83 -21.98
C GLU A 278 9.90 4.62 -21.64
N ARG A 279 8.77 4.24 -22.24
CA ARG A 279 7.47 4.85 -21.95
C ARG A 279 7.12 4.67 -20.46
N TRP A 280 7.35 3.45 -19.93
CA TRP A 280 7.03 3.14 -18.53
C TRP A 280 7.90 3.97 -17.57
N VAL A 281 9.20 4.03 -17.87
CA VAL A 281 10.15 4.79 -17.05
C VAL A 281 9.81 6.28 -17.07
N GLU A 282 9.41 6.82 -18.23
CA GLU A 282 9.04 8.24 -18.33
C GLU A 282 7.78 8.52 -17.49
N MET A 283 6.83 7.60 -17.53
CA MET A 283 5.61 7.68 -16.72
C MET A 283 5.98 7.72 -15.22
N CYS A 284 6.87 6.81 -14.79
CA CYS A 284 7.37 6.80 -13.41
C CYS A 284 7.99 8.15 -13.01
N GLN A 285 8.88 8.69 -13.85
CA GLN A 285 9.54 9.95 -13.50
C GLN A 285 8.52 11.11 -13.42
N ARG A 286 7.56 11.16 -14.36
CA ARG A 286 6.53 12.21 -14.43
C ARG A 286 5.63 12.20 -13.18
N LEU A 287 5.33 11.01 -12.66
CA LEU A 287 4.32 10.88 -11.62
C LEU A 287 4.96 10.87 -10.22
N GLY A 288 6.29 10.78 -10.13
CA GLY A 288 6.99 10.86 -8.86
C GLY A 288 7.42 9.53 -8.24
N ILE A 289 7.41 8.41 -9.00
CA ILE A 289 8.13 7.20 -8.60
C ILE A 289 9.65 7.44 -8.69
N GLN A 290 10.37 7.08 -7.61
CA GLN A 290 11.81 7.33 -7.48
C GLN A 290 12.65 6.08 -7.84
N PHE A 291 12.12 4.85 -7.67
CA PHE A 291 12.86 3.59 -7.88
C PHE A 291 12.10 2.62 -8.77
N ILE A 292 12.83 1.98 -9.69
CA ILE A 292 12.31 0.99 -10.64
C ILE A 292 12.67 -0.40 -10.10
N GLU A 293 11.65 -1.22 -9.77
CA GLU A 293 11.82 -2.55 -9.20
C GLU A 293 11.53 -3.57 -10.30
N PHE A 294 12.56 -4.13 -10.97
CA PHE A 294 12.32 -5.05 -12.08
C PHE A 294 11.69 -6.37 -11.61
N SER A 295 10.71 -6.84 -12.39
CA SER A 295 9.98 -8.08 -12.13
C SER A 295 10.91 -9.30 -12.07
N HIS A 296 10.44 -10.32 -11.34
CA HIS A 296 11.20 -11.56 -11.06
C HIS A 296 11.48 -12.34 -12.34
N LEU A 297 12.71 -12.87 -12.46
CA LEU A 297 13.15 -13.56 -13.67
C LEU A 297 13.06 -15.08 -13.63
N PHE A 298 12.57 -15.65 -12.51
CA PHE A 298 12.38 -17.09 -12.35
C PHE A 298 11.10 -17.34 -11.56
N THR A 299 10.51 -18.52 -11.72
CA THR A 299 9.21 -18.83 -11.11
C THR A 299 9.26 -18.82 -9.58
N GLN A 300 8.07 -18.54 -9.01
CA GLN A 300 7.86 -18.43 -7.57
C GLN A 300 8.02 -19.78 -6.85
N TRP A 301 8.38 -19.72 -5.57
CA TRP A 301 8.32 -20.90 -4.70
C TRP A 301 9.19 -22.03 -5.29
N GLY A 302 10.39 -21.67 -5.76
CA GLY A 302 11.33 -22.68 -6.23
C GLY A 302 12.38 -22.24 -7.23
N ALA A 303 12.13 -21.17 -7.99
CA ALA A 303 13.04 -20.73 -9.05
C ALA A 303 13.32 -21.83 -10.08
N LYS A 304 12.31 -22.69 -10.34
CA LYS A 304 12.49 -23.91 -11.11
C LYS A 304 12.37 -23.68 -12.63
N TYR A 305 11.59 -22.67 -13.05
CA TYR A 305 11.24 -22.43 -14.46
C TYR A 305 11.40 -20.94 -14.78
N ALA A 306 11.35 -20.68 -16.08
CA ALA A 306 11.35 -19.32 -16.62
C ALA A 306 9.94 -18.73 -16.53
N PRO A 307 9.81 -17.38 -16.59
CA PRO A 307 8.52 -16.73 -16.77
C PRO A 307 7.99 -17.02 -18.17
N LYS A 308 6.68 -16.79 -18.40
CA LYS A 308 6.18 -16.76 -19.76
C LYS A 308 6.89 -15.62 -20.50
N ILE A 309 7.48 -15.92 -21.69
CA ILE A 309 8.06 -14.92 -22.58
C ILE A 309 7.57 -15.16 -24.01
N ILE A 310 7.09 -14.07 -24.64
CA ILE A 310 6.57 -14.10 -26.00
C ILE A 310 7.58 -13.45 -26.92
N ALA A 311 7.74 -14.00 -28.13
CA ALA A 311 8.62 -13.41 -29.12
C ALA A 311 7.94 -13.46 -30.49
N LYS A 312 8.47 -12.66 -31.43
CA LYS A 312 7.98 -12.67 -32.81
C LYS A 312 8.95 -13.47 -33.70
N LYS A 313 8.39 -14.39 -34.50
CA LYS A 313 9.12 -15.06 -35.58
C LYS A 313 8.39 -14.83 -36.91
N ASP A 314 9.05 -14.13 -37.85
CA ASP A 314 8.45 -13.81 -39.14
C ASP A 314 7.06 -13.19 -38.98
N GLY A 315 6.98 -12.19 -38.09
CA GLY A 315 5.76 -11.41 -37.90
C GLY A 315 4.80 -11.97 -36.84
N GLU A 316 4.97 -13.26 -36.50
CA GLU A 316 3.99 -14.04 -35.78
C GLU A 316 4.43 -14.28 -34.32
N GLU A 317 3.52 -14.07 -33.37
CA GLU A 317 3.84 -14.19 -31.95
C GLU A 317 3.84 -15.67 -31.56
N LYS A 318 4.83 -16.07 -30.75
CA LYS A 318 4.87 -17.41 -30.17
C LYS A 318 5.54 -17.38 -28.80
N ARG A 319 5.14 -18.31 -27.93
CA ARG A 319 5.74 -18.41 -26.59
C ARG A 319 7.03 -19.22 -26.71
N ILE A 320 8.13 -18.67 -26.17
CA ILE A 320 9.46 -19.29 -26.24
C ILE A 320 9.98 -19.77 -24.86
N PHE A 321 9.42 -19.26 -23.73
CA PHE A 321 9.81 -19.70 -22.39
C PHE A 321 8.55 -19.84 -21.54
N GLY A 322 8.62 -20.66 -20.50
CA GLY A 322 7.60 -20.81 -19.48
C GLY A 322 7.77 -22.11 -18.68
N TRP A 323 6.66 -22.81 -18.35
CA TRP A 323 6.69 -23.96 -17.46
C TRP A 323 7.31 -25.22 -18.10
N ASP A 324 7.65 -25.16 -19.40
CA ASP A 324 8.33 -26.24 -20.10
C ASP A 324 9.81 -25.93 -20.41
N THR A 325 10.39 -24.88 -19.80
CA THR A 325 11.79 -24.50 -19.97
C THR A 325 12.41 -24.33 -18.59
N GLU A 326 13.28 -25.28 -18.20
CA GLU A 326 13.90 -25.27 -16.89
C GLU A 326 14.79 -24.04 -16.72
N ALA A 327 14.79 -23.50 -15.51
CA ALA A 327 15.59 -22.36 -15.15
C ALA A 327 17.08 -22.65 -15.34
N SER A 328 17.51 -23.90 -15.12
CA SER A 328 18.94 -24.26 -15.24
C SER A 328 19.32 -24.72 -16.65
N GLY A 329 18.35 -24.77 -17.56
CA GLY A 329 18.61 -25.19 -18.93
C GLY A 329 19.48 -24.20 -19.70
N GLU A 330 20.22 -24.68 -20.72
CA GLU A 330 21.12 -23.79 -21.43
C GLU A 330 20.36 -22.79 -22.30
N SER A 331 19.11 -23.12 -22.67
CA SER A 331 18.29 -22.25 -23.50
C SER A 331 17.99 -20.91 -22.80
N TYR A 332 17.46 -20.98 -21.54
CA TYR A 332 17.14 -19.77 -20.81
C TYR A 332 18.43 -19.02 -20.42
N SER A 333 19.50 -19.77 -20.07
CA SER A 333 20.79 -19.15 -19.80
C SER A 333 21.29 -18.29 -20.98
N LEU A 334 21.25 -18.84 -22.22
CA LEU A 334 21.69 -18.12 -23.41
C LEU A 334 20.84 -16.87 -23.69
N PHE A 335 19.52 -16.98 -23.44
CA PHE A 335 18.61 -15.83 -23.60
C PHE A 335 19.03 -14.70 -22.66
N LEU A 336 19.25 -14.99 -21.35
CA LEU A 336 19.62 -13.97 -20.37
C LEU A 336 21.02 -13.42 -20.64
N ASP A 337 21.94 -14.23 -21.18
CA ASP A 337 23.27 -13.75 -21.55
C ASP A 337 23.22 -12.69 -22.67
N GLN A 338 22.18 -12.71 -23.53
CA GLN A 338 21.94 -11.74 -24.57
C GLN A 338 21.17 -10.53 -24.03
N PHE A 339 20.09 -10.79 -23.26
CA PHE A 339 19.17 -9.76 -22.78
C PHE A 339 19.81 -8.85 -21.73
N LEU A 340 20.44 -9.42 -20.69
CA LEU A 340 20.80 -8.62 -19.53
C LEU A 340 21.84 -7.54 -19.86
N PRO A 341 22.89 -7.79 -20.67
CA PRO A 341 23.81 -6.68 -21.01
C PRO A 341 23.15 -5.52 -21.77
N GLN A 342 22.18 -5.83 -22.63
CA GLN A 342 21.38 -4.83 -23.33
C GLN A 342 20.52 -4.04 -22.35
N LEU A 343 19.93 -4.69 -21.33
CA LEU A 343 19.19 -3.94 -20.31
C LEU A 343 20.12 -3.03 -19.49
N VAL A 344 21.35 -3.47 -19.22
CA VAL A 344 22.32 -2.64 -18.48
C VAL A 344 22.71 -1.41 -19.31
N HIS A 345 22.85 -1.56 -20.62
CA HIS A 345 23.10 -0.42 -21.53
C HIS A 345 21.94 0.60 -21.50
N PHE A 346 20.69 0.10 -21.53
CA PHE A 346 19.50 0.91 -21.34
C PHE A 346 19.54 1.70 -20.02
N ILE A 347 19.88 1.03 -18.89
CA ILE A 347 19.93 1.64 -17.58
C ILE A 347 20.93 2.80 -17.54
N ARG A 348 22.13 2.58 -18.09
CA ARG A 348 23.19 3.60 -18.12
C ARG A 348 22.82 4.78 -19.02
N ASN A 349 22.21 4.52 -20.19
CA ASN A 349 21.79 5.54 -21.14
C ASN A 349 20.68 6.44 -20.60
N HIS A 350 19.83 5.93 -19.67
CA HIS A 350 18.78 6.73 -19.06
C HIS A 350 19.12 7.21 -17.65
N HIS A 351 20.39 7.11 -17.23
CA HIS A 351 20.87 7.63 -15.95
C HIS A 351 20.08 6.99 -14.79
N LEU A 352 19.82 5.67 -14.88
CA LEU A 352 19.04 4.96 -13.86
C LEU A 352 19.92 4.12 -12.94
N ASP A 353 21.25 4.32 -12.98
CA ASP A 353 22.21 3.44 -12.34
C ASP A 353 21.95 3.26 -10.83
N ASP A 354 21.57 4.33 -10.13
CA ASP A 354 21.37 4.29 -8.69
C ASP A 354 19.88 4.27 -8.32
N LYS A 355 19.01 3.94 -9.29
CA LYS A 355 17.56 4.03 -9.13
C LYS A 355 16.88 2.69 -9.38
N VAL A 356 17.62 1.58 -9.55
CA VAL A 356 17.04 0.27 -9.91
C VAL A 356 17.30 -0.80 -8.84
N PHE A 357 16.32 -1.72 -8.73
CA PHE A 357 16.42 -2.99 -8.00
C PHE A 357 16.03 -4.17 -8.93
N PHE A 358 16.64 -5.34 -8.70
CA PHE A 358 16.29 -6.60 -9.39
C PHE A 358 15.78 -7.62 -8.37
N HIS A 359 14.94 -8.55 -8.85
CA HIS A 359 14.48 -9.74 -8.18
C HIS A 359 14.97 -11.03 -8.87
N VAL A 360 15.27 -12.09 -8.10
CA VAL A 360 15.50 -13.41 -8.69
C VAL A 360 14.19 -14.21 -8.76
N SER A 361 13.60 -14.50 -7.60
CA SER A 361 12.49 -15.43 -7.46
C SER A 361 11.89 -15.23 -6.08
N ASP A 362 10.56 -15.13 -6.00
CA ASP A 362 9.92 -14.81 -4.74
C ASP A 362 9.75 -16.03 -3.81
N GLU A 363 9.93 -15.81 -2.50
CA GLU A 363 9.60 -16.75 -1.42
C GLU A 363 10.19 -18.16 -1.62
N PRO A 364 11.52 -18.28 -1.82
CA PRO A 364 12.17 -19.60 -1.74
C PRO A 364 12.19 -20.16 -0.31
N GLY A 365 12.00 -21.49 -0.22
CA GLY A 365 12.23 -22.26 1.00
C GLY A 365 13.66 -22.80 1.03
N MET A 366 14.11 -23.25 2.22
CA MET A 366 15.39 -23.95 2.33
C MET A 366 15.54 -25.09 1.32
N LYS A 367 14.48 -25.85 1.04
CA LYS A 367 14.53 -26.93 0.06
C LYS A 367 14.80 -26.41 -1.37
N HIS A 368 14.68 -25.09 -1.61
CA HIS A 368 14.82 -24.49 -2.92
C HIS A 368 16.17 -23.76 -3.02
N ALA A 369 17.04 -23.87 -2.00
CA ALA A 369 18.26 -23.09 -1.97
C ALA A 369 19.18 -23.36 -3.18
N GLU A 370 19.36 -24.63 -3.58
CA GLU A 370 20.21 -24.93 -4.72
C GLU A 370 19.67 -24.24 -6.00
N SER A 371 18.36 -24.30 -6.26
CA SER A 371 17.83 -23.66 -7.46
C SER A 371 17.96 -22.13 -7.41
N TYR A 372 17.73 -21.55 -6.23
CA TYR A 372 17.83 -20.11 -6.02
C TYR A 372 19.28 -19.69 -6.30
N ARG A 373 20.26 -20.47 -5.77
CA ARG A 373 21.68 -20.20 -6.04
C ARG A 373 22.01 -20.22 -7.54
N GLN A 374 21.54 -21.24 -8.27
CA GLN A 374 21.85 -21.38 -9.68
C GLN A 374 21.30 -20.17 -10.45
N ALA A 375 20.08 -19.76 -10.09
CA ALA A 375 19.45 -18.60 -10.73
C ALA A 375 20.18 -17.29 -10.41
N SER A 376 20.53 -17.07 -9.13
CA SER A 376 21.31 -15.91 -8.67
C SER A 376 22.65 -15.83 -9.40
N ASP A 377 23.32 -16.98 -9.60
CA ASP A 377 24.59 -17.02 -10.30
C ASP A 377 24.48 -16.53 -11.74
N ILE A 378 23.37 -16.82 -12.44
CA ILE A 378 23.18 -16.31 -13.80
C ILE A 378 23.10 -14.79 -13.76
N LEU A 379 22.28 -14.20 -12.88
CA LEU A 379 22.18 -12.74 -12.81
C LEU A 379 23.52 -12.09 -12.42
N ASN A 380 24.26 -12.72 -11.50
CA ASN A 380 25.50 -12.14 -10.96
C ASN A 380 26.59 -12.08 -12.06
N LYS A 381 26.47 -12.82 -13.16
CA LYS A 381 27.41 -12.71 -14.30
C LYS A 381 27.31 -11.34 -14.97
N HIS A 382 26.13 -10.71 -14.92
CA HIS A 382 25.82 -9.49 -15.65
C HIS A 382 25.48 -8.26 -14.81
N LEU A 383 25.01 -8.42 -13.56
CA LEU A 383 24.38 -7.37 -12.78
C LEU A 383 25.27 -6.93 -11.61
N ALA A 384 26.60 -7.08 -11.71
CA ALA A 384 27.48 -6.57 -10.65
C ALA A 384 27.23 -5.08 -10.44
N GLY A 385 27.13 -4.66 -9.17
CA GLY A 385 26.95 -3.27 -8.79
C GLY A 385 25.48 -2.88 -8.57
N PHE A 386 24.54 -3.78 -8.88
CA PHE A 386 23.12 -3.47 -8.76
C PHE A 386 22.52 -4.16 -7.53
N SER A 387 21.52 -3.52 -6.88
CA SER A 387 20.79 -4.07 -5.74
C SER A 387 19.83 -5.20 -6.19
N ILE A 388 19.91 -6.33 -5.47
CA ILE A 388 19.05 -7.51 -5.70
C ILE A 388 18.39 -7.87 -4.37
N LEU A 389 17.03 -8.02 -4.37
CA LEU A 389 16.30 -8.32 -3.16
C LEU A 389 15.26 -9.41 -3.43
N ASP A 390 14.81 -10.09 -2.36
CA ASP A 390 13.68 -11.01 -2.45
C ASP A 390 13.06 -11.23 -1.06
N ALA A 391 11.72 -11.40 -1.03
CA ALA A 391 10.99 -11.83 0.14
C ALA A 391 11.33 -13.30 0.49
N LEU A 392 11.83 -13.47 1.74
CA LEU A 392 12.22 -14.74 2.36
C LEU A 392 12.64 -14.46 3.81
N SER A 393 12.43 -15.47 4.69
CA SER A 393 12.50 -15.21 6.12
C SER A 393 13.47 -16.15 6.87
N ASP A 394 14.13 -17.06 6.15
CA ASP A 394 15.09 -17.97 6.78
C ASP A 394 16.43 -17.24 6.91
N TYR A 395 16.80 -16.84 8.15
CA TYR A 395 18.09 -16.21 8.38
C TYR A 395 19.20 -17.15 7.93
N ASP A 396 18.99 -18.43 8.27
CA ASP A 396 19.89 -19.50 7.88
C ASP A 396 20.11 -19.44 6.37
N PHE A 397 19.13 -18.91 5.63
CA PHE A 397 19.24 -18.81 4.17
C PHE A 397 20.13 -17.61 3.77
N TYR A 398 20.20 -16.55 4.59
CA TYR A 398 21.02 -15.36 4.33
C TYR A 398 22.50 -15.57 4.69
N GLU A 399 22.77 -16.36 5.74
CA GLU A 399 24.12 -16.66 6.22
C GLU A 399 25.08 -17.04 5.09
N LYS A 400 24.59 -17.86 4.14
CA LYS A 400 25.41 -18.49 3.11
C LYS A 400 25.62 -17.61 1.88
N GLY A 401 25.17 -16.35 1.94
CA GLY A 401 25.43 -15.38 0.88
C GLY A 401 24.61 -15.64 -0.38
N LEU A 402 23.46 -16.31 -0.27
CA LEU A 402 22.62 -16.60 -1.42
C LEU A 402 21.82 -15.37 -1.87
N VAL A 403 21.51 -14.45 -0.96
CA VAL A 403 20.70 -13.29 -1.30
C VAL A 403 21.36 -12.02 -0.76
N GLN A 404 21.38 -10.95 -1.56
CA GLN A 404 22.04 -9.71 -1.15
C GLN A 404 21.21 -8.94 -0.12
N ILE A 405 19.93 -8.67 -0.45
CA ILE A 405 19.01 -8.00 0.46
C ILE A 405 17.84 -8.95 0.74
N PRO A 406 17.79 -9.60 1.92
CA PRO A 406 16.61 -10.35 2.33
C PRO A 406 15.49 -9.41 2.77
N VAL A 407 14.23 -9.83 2.51
CA VAL A 407 13.06 -9.08 2.96
C VAL A 407 12.23 -10.02 3.84
N PRO A 408 12.54 -10.13 5.14
CA PRO A 408 11.83 -11.06 6.01
C PRO A 408 10.47 -10.56 6.46
N SER A 409 9.57 -11.50 6.77
CA SER A 409 8.25 -11.09 7.22
C SER A 409 8.32 -10.48 8.63
N ASN A 410 7.34 -9.64 9.01
CA ASN A 410 7.40 -8.89 10.26
C ASN A 410 7.25 -9.80 11.51
N ASP A 411 6.73 -11.02 11.34
CA ASP A 411 6.68 -11.99 12.43
C ASP A 411 7.92 -12.90 12.48
N GLN A 412 8.92 -12.69 11.60
CA GLN A 412 10.15 -13.49 11.56
C GLN A 412 11.40 -12.59 11.53
N ILE A 413 11.25 -11.32 11.86
CA ILE A 413 12.31 -10.34 11.68
C ILE A 413 13.35 -10.36 12.81
N GLU A 414 13.03 -10.98 13.95
CA GLU A 414 13.89 -10.84 15.13
C GLU A 414 15.35 -11.21 14.85
N PRO A 415 15.69 -12.37 14.24
CA PRO A 415 17.09 -12.69 13.94
C PRO A 415 17.83 -11.70 13.05
N PHE A 416 17.11 -11.09 12.09
CA PHE A 416 17.71 -10.11 11.22
C PHE A 416 18.12 -8.86 11.98
N ILE A 417 17.34 -8.48 12.99
CA ILE A 417 17.62 -7.34 13.83
C ILE A 417 18.80 -7.68 14.74
N GLU A 418 18.78 -8.92 15.27
CA GLU A 418 19.73 -9.38 16.26
C GLU A 418 21.13 -9.41 15.66
N HIS A 419 21.23 -9.82 14.39
CA HIS A 419 22.50 -9.92 13.65
C HIS A 419 22.87 -8.64 12.90
N GLY A 420 22.12 -7.52 13.07
CA GLY A 420 22.49 -6.25 12.45
C GLY A 420 22.50 -6.29 10.93
N VAL A 421 21.51 -6.97 10.32
CA VAL A 421 21.48 -7.03 8.86
C VAL A 421 21.12 -5.64 8.32
N GLU A 422 21.83 -5.20 7.26
CA GLU A 422 21.60 -3.90 6.65
C GLU A 422 21.74 -4.01 5.14
N PRO A 423 20.88 -3.35 4.30
CA PRO A 423 19.69 -2.61 4.76
C PRO A 423 18.58 -3.53 5.26
N LEU A 424 17.89 -3.12 6.34
CA LEU A 424 16.79 -3.90 6.92
C LEU A 424 15.50 -3.58 6.17
N TRP A 425 14.85 -4.65 5.69
CA TRP A 425 13.53 -4.57 5.06
C TRP A 425 12.53 -5.49 5.78
N THR A 426 11.22 -5.30 5.50
CA THR A 426 10.20 -6.23 5.98
C THR A 426 9.01 -6.22 5.01
N TYR A 427 8.11 -7.20 5.21
CA TYR A 427 6.86 -7.33 4.48
C TYR A 427 5.83 -8.05 5.37
N TYR A 428 4.54 -8.05 4.95
CA TYR A 428 3.57 -8.96 5.54
C TYR A 428 2.59 -9.41 4.46
N CYS A 429 1.82 -10.50 4.73
CA CYS A 429 0.84 -11.09 3.81
C CYS A 429 -0.13 -11.96 4.63
N CYS A 430 -0.79 -12.91 3.97
CA CYS A 430 -1.79 -13.75 4.64
C CYS A 430 -1.17 -14.54 5.80
N GLY A 431 0.13 -14.81 5.75
CA GLY A 431 0.80 -15.65 6.76
C GLY A 431 0.97 -14.95 8.10
N GLN A 432 0.87 -13.61 8.10
CA GLN A 432 1.14 -12.78 9.30
C GLN A 432 -0.16 -12.47 10.02
N ASP A 433 -0.80 -13.55 10.51
CA ASP A 433 -2.12 -13.49 11.09
C ASP A 433 -2.15 -13.43 12.61
N HIS A 434 -0.97 -13.52 13.28
CA HIS A 434 -0.91 -13.60 14.75
C HIS A 434 -0.09 -12.43 15.31
N HIS A 435 -0.76 -11.57 16.10
CA HIS A 435 -0.19 -10.47 16.89
C HIS A 435 0.28 -9.23 16.12
N VAL A 436 0.96 -9.41 14.97
CA VAL A 436 1.68 -8.32 14.31
C VAL A 436 0.75 -7.38 13.56
N SER A 437 1.28 -6.24 13.11
CA SER A 437 0.52 -5.35 12.24
C SER A 437 0.13 -6.12 10.97
N ASN A 438 -1.09 -5.80 10.47
CA ASN A 438 -1.61 -6.28 9.17
C ASN A 438 -2.76 -5.35 8.81
N ARG A 439 -3.49 -5.64 7.69
CA ARG A 439 -4.52 -4.78 7.09
C ARG A 439 -5.78 -5.58 6.74
N PHE A 440 -6.07 -6.64 7.49
CA PHE A 440 -7.31 -7.41 7.26
C PHE A 440 -8.55 -6.61 7.66
N PHE A 441 -9.71 -6.88 6.99
CA PHE A 441 -10.99 -6.31 7.42
C PHE A 441 -11.24 -6.51 8.93
N SER A 442 -10.87 -7.72 9.41
CA SER A 442 -11.21 -8.20 10.73
C SER A 442 -10.24 -7.72 11.82
N LEU A 443 -9.20 -6.96 11.42
CA LEU A 443 -8.29 -6.30 12.35
C LEU A 443 -8.63 -4.79 12.53
N SER A 444 -8.24 -4.23 13.68
CA SER A 444 -8.51 -2.84 14.03
C SER A 444 -7.63 -1.90 13.22
N SER A 445 -8.07 -0.63 13.10
CA SER A 445 -7.29 0.39 12.41
C SER A 445 -6.05 0.78 13.22
N PRO A 446 -6.03 0.79 14.58
CA PRO A 446 -4.72 0.93 15.24
C PRO A 446 -3.68 -0.14 14.94
N ARG A 447 -4.11 -1.41 14.76
CA ARG A 447 -3.21 -2.52 14.44
C ARG A 447 -2.59 -2.34 13.05
N ASN A 448 -3.29 -1.62 12.14
CA ASN A 448 -2.72 -1.23 10.84
C ASN A 448 -1.71 -0.08 11.02
N ARG A 449 -2.17 1.02 11.62
CA ARG A 449 -1.37 2.25 11.63
C ARG A 449 -0.09 2.19 12.50
N VAL A 450 -0.08 1.29 13.50
CA VAL A 450 1.08 1.18 14.41
C VAL A 450 2.38 0.77 13.68
N LEU A 451 2.32 0.21 12.45
CA LEU A 451 3.50 -0.19 11.73
C LEU A 451 4.50 0.99 11.68
N GLY A 452 3.99 2.21 11.47
CA GLY A 452 4.85 3.38 11.35
C GLY A 452 5.84 3.54 12.52
N ALA A 453 5.29 3.46 13.72
CA ALA A 453 6.08 3.52 14.97
C ALA A 453 7.10 2.38 15.03
N GLN A 454 6.72 1.16 14.60
CA GLN A 454 7.62 0.01 14.59
C GLN A 454 8.77 0.24 13.61
N LEU A 455 8.48 0.69 12.37
CA LEU A 455 9.51 0.96 11.39
C LEU A 455 10.49 2.01 11.93
N TYR A 456 9.98 3.01 12.65
CA TYR A 456 10.82 4.06 13.24
C TYR A 456 11.78 3.45 14.29
N LYS A 457 11.22 2.71 15.22
CA LYS A 457 12.03 2.22 16.36
C LYS A 457 13.13 1.31 15.87
N PHE A 458 12.85 0.43 14.88
CA PHE A 458 13.81 -0.59 14.45
C PHE A 458 14.67 -0.15 13.26
N GLY A 459 14.53 1.12 12.81
CA GLY A 459 15.35 1.66 11.73
C GLY A 459 15.21 0.91 10.40
N VAL A 460 13.98 0.51 10.07
CA VAL A 460 13.72 -0.15 8.80
C VAL A 460 13.89 0.81 7.61
N GLN A 461 14.51 0.28 6.54
CA GLN A 461 14.84 1.05 5.34
C GLN A 461 13.80 0.91 4.22
N GLY A 462 13.09 -0.22 4.20
CA GLY A 462 12.11 -0.50 3.15
C GLY A 462 10.96 -1.39 3.66
N PHE A 463 9.77 -1.18 3.04
CA PHE A 463 8.60 -2.01 3.29
C PHE A 463 8.04 -2.46 1.92
N LEU A 464 7.70 -3.74 1.84
CA LEU A 464 7.14 -4.36 0.65
C LEU A 464 5.77 -4.97 0.97
N HIS A 465 4.80 -4.81 0.05
CA HIS A 465 3.51 -5.50 0.08
C HIS A 465 3.24 -5.98 -1.35
N TRP A 466 2.62 -7.16 -1.48
CA TRP A 466 2.33 -7.85 -2.73
C TRP A 466 1.03 -7.36 -3.39
N GLY A 467 0.13 -6.68 -2.63
CA GLY A 467 -1.29 -6.58 -3.01
C GLY A 467 -1.85 -5.14 -3.12
N PHE A 468 -1.31 -4.33 -4.05
CA PHE A 468 -1.98 -3.05 -4.32
C PHE A 468 -3.41 -3.29 -4.82
N ASN A 469 -3.55 -4.11 -5.86
CA ASN A 469 -4.77 -4.27 -6.65
C ASN A 469 -4.85 -5.70 -7.23
N PHE A 470 -4.58 -6.75 -6.42
CA PHE A 470 -4.73 -8.12 -6.88
C PHE A 470 -6.21 -8.53 -6.85
N TRP A 471 -6.82 -8.68 -8.06
CA TRP A 471 -8.25 -8.96 -8.24
C TRP A 471 -8.52 -10.30 -8.92
N TYR A 472 -7.64 -11.30 -8.76
CA TYR A 472 -7.87 -12.67 -9.17
C TYR A 472 -8.01 -13.58 -7.95
N SER A 473 -8.52 -14.82 -8.18
CA SER A 473 -8.45 -15.82 -7.15
C SER A 473 -7.02 -16.33 -6.90
N GLN A 474 -6.86 -17.17 -5.86
CA GLN A 474 -5.58 -17.81 -5.56
C GLN A 474 -5.10 -18.56 -6.79
N TYR A 475 -3.80 -18.47 -7.08
CA TYR A 475 -3.14 -19.05 -8.24
C TYR A 475 -3.61 -18.46 -9.59
N SER A 476 -4.37 -17.34 -9.55
CA SER A 476 -4.88 -16.67 -10.75
C SER A 476 -5.72 -17.63 -11.61
N LYS A 477 -6.47 -18.53 -10.94
CA LYS A 477 -7.32 -19.48 -11.66
C LYS A 477 -8.53 -18.81 -12.33
N LYS A 478 -9.11 -17.78 -11.69
CA LYS A 478 -10.17 -16.99 -12.32
C LYS A 478 -10.11 -15.51 -11.93
N VAL A 479 -10.76 -14.69 -12.76
CA VAL A 479 -10.99 -13.28 -12.48
C VAL A 479 -12.11 -13.20 -11.45
N ILE A 480 -11.97 -12.34 -10.43
CA ILE A 480 -13.05 -12.08 -9.48
C ILE A 480 -13.49 -10.61 -9.58
N ASP A 481 -14.68 -10.33 -9.03
CA ASP A 481 -15.18 -8.96 -8.90
C ASP A 481 -14.87 -8.47 -7.49
N PRO A 482 -13.91 -7.53 -7.28
CA PRO A 482 -13.50 -7.17 -5.92
C PRO A 482 -14.57 -6.54 -5.03
N PHE A 483 -15.68 -6.03 -5.61
CA PHE A 483 -16.81 -5.58 -4.83
C PHE A 483 -17.62 -6.75 -4.25
N LYS A 484 -17.50 -7.96 -4.80
CA LYS A 484 -18.21 -9.16 -4.33
C LYS A 484 -17.31 -10.16 -3.57
N VAL A 485 -16.02 -10.26 -3.96
CA VAL A 485 -15.07 -11.25 -3.45
C VAL A 485 -13.82 -10.49 -2.97
N THR A 486 -13.55 -10.52 -1.66
CA THR A 486 -12.50 -9.72 -1.06
C THR A 486 -11.35 -10.59 -0.47
N ASP A 487 -11.49 -11.93 -0.57
CA ASP A 487 -10.63 -12.95 0.04
C ASP A 487 -10.04 -13.90 -1.02
N ALA A 488 -10.01 -13.47 -2.31
CA ALA A 488 -9.43 -14.26 -3.41
C ALA A 488 -10.07 -15.66 -3.54
N ASP A 489 -11.39 -15.71 -3.25
CA ASP A 489 -12.24 -16.91 -3.27
C ASP A 489 -11.88 -17.83 -2.10
N CYS A 490 -12.05 -17.31 -0.87
CA CYS A 490 -11.81 -18.04 0.38
C CYS A 490 -10.39 -18.64 0.39
N ALA A 491 -9.36 -17.82 0.04
CA ALA A 491 -7.96 -18.21 0.18
C ALA A 491 -7.16 -17.37 1.16
N PHE A 492 -7.35 -16.05 1.11
CA PHE A 492 -6.58 -15.07 1.87
C PHE A 492 -7.55 -14.25 2.72
N PRO A 493 -7.26 -13.94 4.01
CA PRO A 493 -8.20 -13.13 4.79
C PRO A 493 -8.56 -11.81 4.08
N SER A 494 -9.84 -11.43 4.11
CA SER A 494 -10.26 -10.25 3.37
C SER A 494 -9.40 -9.05 3.76
N GLY A 495 -8.98 -8.28 2.74
CA GLY A 495 -8.12 -7.10 2.94
C GLY A 495 -6.68 -7.34 2.48
N ASP A 496 -6.21 -8.60 2.55
CA ASP A 496 -4.86 -8.97 2.10
C ASP A 496 -4.62 -8.67 0.61
N PRO A 497 -5.46 -9.08 -0.36
CA PRO A 497 -5.03 -8.95 -1.76
C PRO A 497 -5.13 -7.56 -2.41
N PHE A 498 -5.93 -6.64 -1.86
CA PHE A 498 -5.98 -5.29 -2.42
C PHE A 498 -6.39 -4.22 -1.41
N VAL A 499 -5.85 -3.01 -1.62
CA VAL A 499 -6.22 -1.81 -0.87
C VAL A 499 -7.05 -0.81 -1.71
N VAL A 500 -7.15 -0.98 -3.05
CA VAL A 500 -7.99 -0.13 -3.87
C VAL A 500 -9.00 -1.02 -4.61
N TYR A 501 -10.17 -0.40 -4.87
CA TYR A 501 -11.28 -0.97 -5.64
C TYR A 501 -11.34 -0.26 -6.98
N PRO A 502 -11.95 -0.92 -8.01
CA PRO A 502 -12.08 -0.26 -9.33
C PRO A 502 -13.31 0.66 -9.43
N GLY A 503 -13.06 1.96 -9.43
CA GLY A 503 -14.11 2.92 -9.75
C GLY A 503 -14.34 3.06 -11.26
N ALA A 504 -15.35 3.86 -11.66
CA ALA A 504 -15.62 4.02 -13.09
C ALA A 504 -14.43 4.53 -13.92
N ASP A 505 -13.66 5.49 -13.39
CA ASP A 505 -12.61 6.12 -14.18
C ASP A 505 -11.23 6.01 -13.52
N GLY A 506 -11.12 5.18 -12.47
CA GLY A 506 -9.87 5.06 -11.77
C GLY A 506 -10.10 4.45 -10.39
N PRO A 507 -9.06 4.45 -9.50
CA PRO A 507 -9.16 3.79 -8.20
C PRO A 507 -10.11 4.45 -7.20
N LEU A 508 -10.75 3.62 -6.38
CA LEU A 508 -11.46 4.05 -5.17
C LEU A 508 -10.65 3.59 -3.97
N ASP A 509 -10.41 4.49 -2.99
CA ASP A 509 -9.68 4.08 -1.78
C ASP A 509 -10.52 3.20 -0.86
N SER A 510 -9.83 2.41 -0.02
CA SER A 510 -10.43 1.75 1.16
C SER A 510 -10.05 2.58 2.40
N ILE A 511 -10.80 2.46 3.50
CA ILE A 511 -10.41 3.08 4.76
C ILE A 511 -9.05 2.55 5.19
N ARG A 512 -8.73 1.27 4.90
CA ARG A 512 -7.47 0.66 5.29
C ARG A 512 -6.29 1.35 4.60
N TRP A 513 -6.47 1.77 3.33
CA TRP A 513 -5.41 2.45 2.58
C TRP A 513 -5.15 3.84 3.18
N GLU A 514 -6.23 4.55 3.60
CA GLU A 514 -6.11 5.86 4.23
C GLU A 514 -5.35 5.74 5.56
N VAL A 515 -5.70 4.71 6.34
CA VAL A 515 -5.05 4.46 7.64
C VAL A 515 -3.58 4.05 7.42
N PHE A 516 -3.24 3.27 6.38
CA PHE A 516 -1.86 2.89 6.11
C PHE A 516 -1.00 4.12 5.88
N ARG A 517 -1.53 5.07 5.09
CA ARG A 517 -0.81 6.33 4.83
C ARG A 517 -0.57 7.08 6.15
N GLU A 518 -1.54 7.04 7.08
CA GLU A 518 -1.36 7.68 8.41
C GLU A 518 -0.15 7.09 9.14
N GLY A 519 0.08 5.76 9.02
CA GLY A 519 1.25 5.12 9.63
C GLY A 519 2.56 5.69 9.07
N LEU A 520 2.60 5.86 7.73
CA LEU A 520 3.77 6.42 7.06
C LEU A 520 4.00 7.86 7.54
N GLN A 521 2.91 8.63 7.75
CA GLN A 521 2.99 10.03 8.19
C GLN A 521 3.57 10.07 9.61
N ASP A 522 3.15 9.10 10.44
CA ASP A 522 3.66 8.99 11.80
C ASP A 522 5.16 8.76 11.78
N LEU A 523 5.66 7.91 10.88
CA LEU A 523 7.08 7.62 10.73
C LEU A 523 7.82 8.92 10.37
N ARG A 524 7.23 9.70 9.44
CA ARG A 524 7.82 10.98 9.02
C ARG A 524 7.85 12.00 10.16
N ALA A 525 6.82 12.04 11.01
CA ALA A 525 6.79 12.92 12.15
C ALA A 525 7.83 12.52 13.21
N LEU A 526 8.01 11.23 13.48
CA LEU A 526 9.01 10.73 14.43
C LEU A 526 10.41 11.12 13.96
N LYS A 527 10.68 11.02 12.66
CA LYS A 527 12.00 11.37 12.11
C LYS A 527 12.25 12.88 12.21
N LEU A 528 11.20 13.70 12.05
CA LEU A 528 11.32 15.15 12.27
C LEU A 528 11.67 15.44 13.72
N LEU A 529 10.95 14.82 14.67
CA LEU A 529 11.23 15.10 16.08
C LEU A 529 12.66 14.65 16.43
N GLU A 530 13.15 13.57 15.79
CA GLU A 530 14.52 13.13 16.00
C GLU A 530 15.49 14.20 15.49
N ALA A 531 15.21 14.83 14.35
CA ALA A 531 16.08 15.87 13.80
C ALA A 531 16.15 17.06 14.75
N LEU A 532 15.04 17.38 15.41
CA LEU A 532 14.93 18.52 16.31
C LEU A 532 15.46 18.25 17.72
N ALA A 533 15.21 17.04 18.28
CA ALA A 533 15.43 16.76 19.70
C ALA A 533 16.36 15.57 19.97
N GLY A 534 16.71 14.77 18.95
CA GLY A 534 17.55 13.60 19.08
C GLY A 534 16.75 12.30 19.26
N ARG A 535 17.39 11.17 18.93
CA ARG A 535 16.72 9.87 18.95
C ARG A 535 16.35 9.39 20.36
N GLU A 536 17.18 9.68 21.40
CA GLU A 536 16.90 9.19 22.74
C GLU A 536 15.59 9.78 23.28
N LYS A 537 15.42 11.11 23.15
CA LYS A 537 14.23 11.79 23.63
C LYS A 537 13.01 11.34 22.80
N THR A 538 13.22 11.12 21.49
CA THR A 538 12.07 10.77 20.63
C THR A 538 11.51 9.39 21.04
N LEU A 539 12.40 8.41 21.14
CA LEU A 539 12.05 7.04 21.56
C LEU A 539 11.42 7.01 22.97
N ALA A 540 11.97 7.83 23.89
CA ALA A 540 11.39 7.94 25.23
C ALA A 540 9.95 8.44 25.18
N LEU A 541 9.64 9.40 24.32
CA LEU A 541 8.28 9.92 24.22
C LEU A 541 7.34 8.82 23.67
N LEU A 542 7.77 8.15 22.61
CA LEU A 542 6.96 7.13 21.95
C LEU A 542 6.59 6.02 22.93
N GLU A 543 7.49 5.72 23.88
CA GLU A 543 7.34 4.55 24.76
C GLU A 543 6.87 4.91 26.16
N GLN A 544 6.59 6.19 26.39
CA GLN A 544 6.13 6.68 27.69
C GLN A 544 4.95 5.87 28.20
N ASN A 545 5.08 5.31 29.41
CA ASN A 545 4.00 4.62 30.10
C ASN A 545 3.56 3.29 29.44
N LEU A 546 4.32 2.74 28.48
CA LEU A 546 4.05 1.39 28.00
C LEU A 546 4.39 0.39 29.12
N ARG A 547 3.52 -0.60 29.34
CA ARG A 547 3.80 -1.65 30.31
C ARG A 547 4.96 -2.54 29.83
N GLU A 548 5.12 -2.70 28.51
CA GLU A 548 6.20 -3.46 27.92
C GLU A 548 6.74 -2.72 26.69
N GLU A 549 8.00 -2.98 26.37
CA GLU A 549 8.74 -2.39 25.27
C GLU A 549 7.97 -2.58 23.97
N LEU A 550 7.96 -1.56 23.11
CA LEU A 550 7.36 -1.72 21.77
C LEU A 550 8.18 -2.69 20.91
N THR A 551 7.50 -3.68 20.27
CA THR A 551 8.11 -4.56 19.30
C THR A 551 7.13 -4.76 18.13
N PHE A 552 7.56 -5.53 17.13
CA PHE A 552 6.65 -5.86 16.02
C PHE A 552 5.43 -6.67 16.47
N LYS A 553 5.56 -7.41 17.59
CA LYS A 553 4.51 -8.26 18.12
C LYS A 553 3.78 -7.69 19.33
N SER A 554 4.32 -6.64 19.99
CA SER A 554 3.76 -6.12 21.22
C SER A 554 3.54 -4.60 21.13
N PHE A 555 2.29 -4.17 21.32
CA PHE A 555 1.90 -2.77 21.23
C PHE A 555 0.49 -2.61 21.80
N PRO A 556 0.06 -1.41 22.27
CA PRO A 556 -1.34 -1.20 22.67
C PRO A 556 -2.28 -1.11 21.46
N ASP A 557 -3.20 -2.06 21.34
CA ASP A 557 -4.18 -2.02 20.25
C ASP A 557 -5.40 -1.22 20.72
N ASP A 558 -5.31 0.12 20.61
CA ASP A 558 -6.16 1.01 21.35
C ASP A 558 -6.16 2.37 20.64
N ILE A 559 -7.34 2.87 20.28
CA ILE A 559 -7.52 4.14 19.58
C ILE A 559 -6.93 5.32 20.39
N GLU A 560 -7.33 5.44 21.66
CA GLU A 560 -6.88 6.53 22.56
C GLU A 560 -5.35 6.56 22.68
N TRP A 561 -4.69 5.39 22.86
CA TRP A 561 -3.22 5.30 22.90
C TRP A 561 -2.56 5.90 21.66
N LEU A 562 -3.00 5.49 20.47
CA LEU A 562 -2.32 5.92 19.27
C LEU A 562 -2.58 7.41 19.03
N LEU A 563 -3.83 7.88 19.17
CA LEU A 563 -4.13 9.30 18.93
C LEU A 563 -3.36 10.18 19.92
N SER A 564 -3.35 9.79 21.18
CA SER A 564 -2.72 10.62 22.21
C SER A 564 -1.20 10.63 22.01
N THR A 565 -0.61 9.49 21.61
CA THR A 565 0.82 9.44 21.29
C THR A 565 1.20 10.37 20.13
N ARG A 566 0.45 10.32 19.01
CA ARG A 566 0.74 11.22 17.90
C ARG A 566 0.56 12.71 18.29
N GLU A 567 -0.45 13.01 19.13
CA GLU A 567 -0.72 14.36 19.59
C GLU A 567 0.50 14.83 20.42
N LYS A 568 1.09 13.93 21.23
CA LYS A 568 2.28 14.28 22.01
C LYS A 568 3.49 14.59 21.13
N ILE A 569 3.71 13.78 20.08
CA ILE A 569 4.77 14.00 19.11
C ILE A 569 4.58 15.37 18.46
N ASN A 570 3.34 15.68 18.04
CA ASN A 570 3.05 16.93 17.36
C ASN A 570 3.33 18.12 18.30
N ARG A 571 3.02 17.97 19.60
CA ARG A 571 3.18 19.08 20.56
C ARG A 571 4.69 19.31 20.79
N ALA A 572 5.45 18.22 20.91
CA ALA A 572 6.90 18.30 21.06
C ALA A 572 7.55 18.97 19.84
N ILE A 573 7.10 18.69 18.60
CA ILE A 573 7.62 19.38 17.41
C ILE A 573 7.29 20.89 17.47
N LYS A 574 6.05 21.22 17.86
CA LYS A 574 5.58 22.60 17.92
C LYS A 574 6.43 23.40 18.92
N ASP A 575 6.87 22.74 19.98
CA ASP A 575 7.51 23.47 21.11
C ASP A 575 9.03 23.47 21.01
N ALA A 576 9.62 22.73 20.07
CA ALA A 576 11.06 22.51 19.96
C ALA A 576 11.77 23.79 19.52
N TYR A 577 13.03 23.92 19.97
CA TYR A 577 13.85 25.05 19.55
C TYR A 577 14.44 24.76 18.17
N ARG A 578 14.26 25.69 17.24
CA ARG A 578 14.67 25.41 15.87
C ARG A 578 15.78 26.36 15.44
N ALA A 579 16.63 25.84 14.55
CA ALA A 579 17.62 26.63 13.86
C ALA A 579 16.97 27.11 12.56
N ASP A 580 17.50 28.19 11.98
CA ASP A 580 16.95 28.70 10.73
C ASP A 580 17.51 27.89 9.54
C1 GNL B . 3.04 -13.75 -0.34
S1 GNL B . 3.58 -12.03 0.05
C2 GNL B . 3.41 -13.95 -1.81
N2 GNL B . 4.72 -13.25 -2.01
C3 GNL B . 2.36 -13.33 -2.76
O3 GNL B . 2.71 -13.65 -4.11
C4 GNL B . 0.97 -13.86 -2.30
O4 GNL B . 0.79 -15.27 -2.54
C5 GNL B . 0.70 -13.52 -0.84
O5 GNL B . 1.72 -14.09 0.03
C6 GNL B . -0.64 -14.01 -0.30
O6 GNL B . -0.92 -13.41 0.95
C7 GNL B . 4.80 -12.28 -1.17
C8 GNL B . 5.94 -11.31 -1.13
BR BR C . 10.34 8.27 6.15
BR BR D . -38.34 8.67 13.72
#